data_5M6G
#
_entry.id   5M6G
#
_cell.length_a   64.292
_cell.length_b   75.717
_cell.length_c   113.893
_cell.angle_alpha   90.00
_cell.angle_beta   90.00
_cell.angle_gamma   90.00
#
_symmetry.space_group_name_H-M   'P 21 21 21'
#
loop_
_entity.id
_entity.type
_entity.pdbx_description
1 polymer Beta-glucosidase
2 non-polymer 'MAGNESIUM ION'
3 non-polymer GLYCEROL
4 non-polymer 'TRIETHYLENE GLYCOL'
5 non-polymer sorbitol
6 water water
#
_entity_poly.entity_id   1
_entity_poly.type   'polypeptide(L)'
_entity_poly.pdbx_seq_one_letter_code
;MPLARIPRARRAVATLVGLAATVLLTAAAVPSADAGRPAYRDPRLPVPDRVDDLMARMSLDDKLGQMVQVERKAAGPQAV
ADHRIGSVLSGGGSAPEPNTPQAWADMYDSYQRAALSTPLGIPLIYGVDAVHGHNNVHGATIYPHNIGLGATGNPDLVQR
IGAATAEEVAATGIDWSFAPCVCVARDDRWGRTYESFGEKSENASAMTSAVTGLQGEALGATPSSVMATAKHYVGDGGTT
GGDDQGNTEISEQELREIHLPPFREAIARGVGSVMVSYSSWNGEKLHASTYLVNDVLKGELGFTGLVVSDYDAIDKLDGQ
EDFTPDEVRASVNAGIDMFMMSSRHEKFIDYLRAEVEAGRVPAERIDDANRRILTKKFELGLFERPFAQRDLLPTVGSAE
HRELARQAVRESQVLLRNDGVLPLAKDGGKLFVAGKNADDIGNQSGGWTISWQGSSGDITEGTTILEGIRAAASGSEVTY
DRHGNGVDGSYRAAIAVVGETPYAEFEGDRPGGLGLDEEDRATIAKLRASGVPVVVVTVSGRPLDIAGEVDGWNALLASW
LPGSEGQGVADVLFGDHNPTGKLPMTWMRSFDQLPINDGDGQDPLFPHGFGLSYG
;
_entity_poly.pdbx_strand_id   A
#
# COMPACT_ATOMS: atom_id res chain seq x y z
N ARG A 37 30.96 26.85 2.25
CA ARG A 37 31.43 27.26 3.57
C ARG A 37 30.40 27.17 4.71
N PRO A 38 29.10 27.38 4.46
CA PRO A 38 28.14 27.09 5.54
C PRO A 38 28.26 25.64 5.94
N ALA A 39 28.22 25.40 7.25
CA ALA A 39 28.48 24.05 7.76
C ALA A 39 27.46 23.06 7.23
N TYR A 40 26.25 23.50 6.92
CA TYR A 40 25.26 22.55 6.42
C TYR A 40 25.64 22.02 5.04
N ARG A 41 26.55 22.71 4.34
CA ARG A 41 27.08 22.25 3.06
C ARG A 41 28.26 21.32 3.21
N ASP A 42 28.72 21.06 4.44
CA ASP A 42 29.82 20.12 4.67
C ASP A 42 29.27 18.71 4.74
N PRO A 43 29.58 17.86 3.76
CA PRO A 43 29.02 16.50 3.76
C PRO A 43 29.69 15.56 4.76
N ARG A 44 30.81 15.93 5.38
CA ARG A 44 31.40 15.11 6.42
C ARG A 44 30.89 15.46 7.81
N LEU A 45 30.10 16.49 7.94
CA LEU A 45 29.61 16.90 9.24
C LEU A 45 28.47 15.98 9.70
N PRO A 46 28.41 15.64 10.99
CA PRO A 46 27.27 14.87 11.49
C PRO A 46 25.96 15.55 11.14
N VAL A 47 24.94 14.74 10.83
CA VAL A 47 23.65 15.27 10.40
C VAL A 47 23.09 16.30 11.38
N PRO A 48 23.00 16.04 12.70
CA PRO A 48 22.42 17.05 13.59
C PRO A 48 23.15 18.40 13.54
N ASP A 49 24.46 18.41 13.32
CA ASP A 49 25.18 19.68 13.18
C ASP A 49 24.83 20.39 11.89
N ARG A 50 24.63 19.62 10.81
CA ARG A 50 24.18 20.20 9.55
C ARG A 50 22.77 20.78 9.68
N VAL A 51 21.88 20.04 10.33
CA VAL A 51 20.53 20.53 10.61
C VAL A 51 20.58 21.82 11.42
N ASP A 52 21.36 21.84 12.50
CA ASP A 52 21.45 23.04 13.32
C ASP A 52 21.89 24.25 12.50
N ASP A 53 22.91 24.09 11.65
CA ASP A 53 23.43 25.22 10.90
C ASP A 53 22.42 25.74 9.89
N LEU A 54 21.77 24.82 9.15
CA LEU A 54 20.75 25.22 8.20
C LEU A 54 19.60 25.96 8.88
N MET A 55 19.05 25.38 9.96
CA MET A 55 17.94 26.04 10.63
C MET A 55 18.34 27.39 11.19
N ALA A 56 19.59 27.53 11.63
CA ALA A 56 20.04 28.84 12.12
C ALA A 56 19.92 29.90 11.04
N ARG A 57 20.03 29.50 9.77
CA ARG A 57 19.97 30.42 8.64
C ARG A 57 18.57 30.60 8.07
N MET A 58 17.59 29.84 8.53
CA MET A 58 16.27 29.89 7.92
C MET A 58 15.39 30.97 8.55
N SER A 59 14.65 31.68 7.70
CA SER A 59 13.57 32.51 8.16
C SER A 59 12.38 31.65 8.57
N LEU A 60 11.46 32.25 9.33
CA LEU A 60 10.23 31.55 9.64
C LEU A 60 9.54 31.08 8.37
N ASP A 61 9.50 31.94 7.33
CA ASP A 61 8.86 31.54 6.08
C ASP A 61 9.54 30.33 5.45
N ASP A 62 10.88 30.23 5.56
CA ASP A 62 11.55 29.03 5.07
C ASP A 62 11.06 27.81 5.82
N LYS A 63 10.90 27.94 7.14
CA LYS A 63 10.49 26.81 7.97
C LYS A 63 9.05 26.41 7.70
N LEU A 64 8.17 27.39 7.47
CA LEU A 64 6.79 27.05 7.13
C LEU A 64 6.73 26.31 5.81
N GLY A 65 7.49 26.76 4.82
CA GLY A 65 7.53 26.08 3.54
C GLY A 65 7.91 24.62 3.66
N GLN A 66 8.90 24.31 4.50
CA GLN A 66 9.35 22.92 4.63
C GLN A 66 8.24 22.01 5.11
N MET A 67 7.24 22.55 5.80
CA MET A 67 6.18 21.72 6.36
C MET A 67 5.09 21.39 5.35
N VAL A 68 5.21 21.86 4.12
CA VAL A 68 4.22 21.67 3.07
C VAL A 68 4.64 20.53 2.15
N GLN A 69 3.72 19.60 1.90
CA GLN A 69 3.86 18.65 0.79
C GLN A 69 2.67 18.85 -0.13
N VAL A 70 2.93 19.34 -1.34
CA VAL A 70 1.86 19.72 -2.27
C VAL A 70 1.81 18.72 -3.42
N GLU A 71 0.60 18.41 -3.86
CA GLU A 71 0.41 17.49 -4.97
C GLU A 71 0.82 18.17 -6.27
N ARG A 72 1.52 17.43 -7.14
CA ARG A 72 2.21 18.03 -8.27
C ARG A 72 1.27 18.80 -9.20
N LYS A 73 0.00 18.38 -9.32
CA LYS A 73 -0.91 19.10 -10.20
C LYS A 73 -1.16 20.54 -9.73
N ALA A 74 -0.95 20.82 -8.45
CA ALA A 74 -1.22 22.16 -7.91
C ALA A 74 -0.04 23.12 -8.02
N ALA A 75 1.18 22.61 -8.23
CA ALA A 75 2.34 23.47 -8.23
C ALA A 75 3.44 22.86 -9.08
N GLY A 76 3.81 23.55 -10.16
CA GLY A 76 4.96 23.16 -10.93
C GLY A 76 6.25 23.49 -10.22
N PRO A 77 7.36 23.13 -10.85
CA PRO A 77 8.68 23.36 -10.22
C PRO A 77 8.89 24.78 -9.75
N GLN A 78 8.62 25.78 -10.60
CA GLN A 78 8.89 27.16 -10.24
C GLN A 78 8.09 27.58 -9.01
N ALA A 79 6.79 27.23 -8.97
CA ALA A 79 5.96 27.60 -7.83
C ALA A 79 6.43 26.92 -6.55
N VAL A 80 6.84 25.66 -6.64
CA VAL A 80 7.38 24.97 -5.47
C VAL A 80 8.60 25.73 -4.94
N ALA A 81 9.50 26.13 -5.84
CA ALA A 81 10.67 26.89 -5.41
C ALA A 81 10.28 28.27 -4.90
N ASP A 82 9.38 28.97 -5.59
CA ASP A 82 8.99 30.32 -5.17
C ASP A 82 8.46 30.33 -3.74
N HIS A 83 7.77 29.28 -3.30
CA HIS A 83 7.22 29.23 -1.96
C HIS A 83 8.09 28.46 -0.98
N ARG A 84 9.27 28.02 -1.42
CA ARG A 84 10.21 27.31 -0.56
C ARG A 84 9.56 26.06 0.03
N ILE A 85 8.76 25.38 -0.80
CA ILE A 85 7.99 24.23 -0.32
C ILE A 85 8.90 23.04 -0.11
N GLY A 86 8.65 22.26 0.94
CA GLY A 86 9.57 21.21 1.31
C GLY A 86 9.39 19.92 0.55
N SER A 87 8.20 19.65 0.04
CA SER A 87 7.95 18.35 -0.54
C SER A 87 6.88 18.45 -1.60
N VAL A 88 6.93 17.51 -2.56
CA VAL A 88 5.88 17.31 -3.54
C VAL A 88 5.53 15.83 -3.53
N LEU A 89 4.26 15.51 -3.83
CA LEU A 89 3.85 14.13 -4.02
C LEU A 89 3.12 13.98 -5.34
N SER A 90 3.12 12.76 -5.85
CA SER A 90 2.14 12.33 -6.84
C SER A 90 1.06 11.57 -6.09
N GLY A 91 -0.17 12.07 -6.17
CA GLY A 91 -1.29 11.26 -5.73
C GLY A 91 -1.45 10.05 -6.65
N GLY A 92 -2.34 9.14 -6.26
CA GLY A 92 -2.63 7.99 -7.08
C GLY A 92 -3.05 8.42 -8.48
N GLY A 93 -2.42 7.85 -9.50
CA GLY A 93 -2.74 8.20 -10.86
C GLY A 93 -2.10 9.46 -11.38
N SER A 94 -1.28 10.14 -10.58
CA SER A 94 -0.75 11.46 -10.94
C SER A 94 0.63 11.29 -11.59
N ALA A 95 0.59 10.88 -12.89
CA ALA A 95 1.80 10.60 -13.64
C ALA A 95 2.11 11.72 -14.63
N PRO A 96 3.37 11.88 -15.02
CA PRO A 96 3.67 12.76 -16.15
C PRO A 96 3.24 12.11 -17.45
N GLU A 97 3.37 12.86 -18.53
CA GLU A 97 3.09 12.33 -19.87
C GLU A 97 4.37 12.34 -20.69
N PRO A 98 4.75 11.19 -21.28
CA PRO A 98 4.07 9.89 -21.16
C PRO A 98 4.35 9.24 -19.81
N ASN A 99 3.56 8.22 -19.46
CA ASN A 99 3.83 7.49 -18.23
C ASN A 99 4.88 6.42 -18.53
N THR A 100 6.14 6.78 -18.37
CA THR A 100 7.27 5.88 -18.52
C THR A 100 8.21 6.10 -17.35
N PRO A 101 9.05 5.10 -17.02
CA PRO A 101 10.04 5.32 -15.96
C PRO A 101 10.96 6.50 -16.23
N GLN A 102 11.39 6.70 -17.48
CA GLN A 102 12.25 7.84 -17.77
C GLN A 102 11.52 9.16 -17.55
N ALA A 103 10.25 9.24 -17.95
CA ALA A 103 9.51 10.49 -17.80
C ALA A 103 9.26 10.83 -16.34
N TRP A 104 9.09 9.82 -15.48
CA TRP A 104 9.02 10.10 -14.04
C TRP A 104 10.35 10.66 -13.55
N ALA A 105 11.47 10.07 -13.96
CA ALA A 105 12.76 10.60 -13.54
C ALA A 105 12.96 12.03 -14.03
N ASP A 106 12.55 12.32 -15.27
CA ASP A 106 12.64 13.68 -15.79
C ASP A 106 11.79 14.64 -14.95
N MET A 107 10.56 14.23 -14.63
CA MET A 107 9.69 15.08 -13.83
C MET A 107 10.32 15.37 -12.48
N TYR A 108 10.83 14.33 -11.81
CA TYR A 108 11.48 14.51 -10.52
C TYR A 108 12.64 15.49 -10.61
N ASP A 109 13.55 15.27 -11.57
CA ASP A 109 14.71 16.15 -11.71
C ASP A 109 14.30 17.58 -12.00
N SER A 110 13.20 17.77 -12.72
CA SER A 110 12.72 19.12 -13.01
C SER A 110 12.33 19.83 -11.71
N TYR A 111 11.58 19.16 -10.85
CA TYR A 111 11.24 19.76 -9.55
C TYR A 111 12.49 20.04 -8.75
N GLN A 112 13.43 19.09 -8.75
CA GLN A 112 14.63 19.25 -7.94
C GLN A 112 15.49 20.41 -8.41
N ARG A 113 15.65 20.57 -9.73
CA ARG A 113 16.45 21.71 -10.23
C ARG A 113 15.91 23.03 -9.69
N ALA A 114 14.59 23.21 -9.67
CA ALA A 114 14.01 24.45 -9.18
C ALA A 114 14.23 24.60 -7.68
N ALA A 115 14.02 23.53 -6.91
CA ALA A 115 14.26 23.60 -5.47
C ALA A 115 15.71 23.96 -5.16
N LEU A 116 16.66 23.38 -5.91
CA LEU A 116 18.07 23.64 -5.68
C LEU A 116 18.49 25.08 -6.02
N SER A 117 17.64 25.86 -6.70
CA SER A 117 17.99 27.21 -7.12
CA SER A 117 18.00 27.21 -7.12
C SER A 117 17.58 28.27 -6.12
N THR A 118 16.96 27.89 -5.01
CA THR A 118 16.52 28.84 -4.00
C THR A 118 17.73 29.36 -3.23
N PRO A 119 17.56 30.42 -2.42
CA PRO A 119 18.73 30.97 -1.70
C PRO A 119 19.44 29.96 -0.83
N LEU A 120 18.71 29.10 -0.10
CA LEU A 120 19.37 28.07 0.69
C LEU A 120 19.61 26.79 -0.08
N GLY A 121 18.89 26.57 -1.18
CA GLY A 121 19.10 25.37 -1.96
C GLY A 121 18.73 24.09 -1.26
N ILE A 122 17.72 24.13 -0.38
CA ILE A 122 17.25 22.93 0.31
C ILE A 122 16.60 22.00 -0.70
N PRO A 123 17.11 20.78 -0.89
CA PRO A 123 16.53 19.91 -1.91
C PRO A 123 15.14 19.46 -1.52
N LEU A 124 14.33 19.23 -2.54
CA LEU A 124 12.99 18.71 -2.36
C LEU A 124 13.04 17.23 -1.98
N ILE A 125 12.05 16.78 -1.21
CA ILE A 125 11.78 15.36 -1.03
C ILE A 125 10.46 15.05 -1.73
N TYR A 126 10.44 13.99 -2.51
CA TYR A 126 9.28 13.65 -3.32
C TYR A 126 8.68 12.35 -2.80
N GLY A 127 7.36 12.34 -2.56
CA GLY A 127 6.67 11.17 -2.07
C GLY A 127 5.68 10.57 -3.05
N VAL A 128 5.37 9.29 -2.90
CA VAL A 128 4.47 8.61 -3.82
C VAL A 128 3.92 7.39 -3.10
N ASP A 129 2.77 6.90 -3.55
CA ASP A 129 2.27 5.60 -3.11
C ASP A 129 2.92 4.52 -3.95
N ALA A 130 3.99 3.93 -3.45
CA ALA A 130 4.57 2.71 -4.03
C ALA A 130 4.23 1.60 -3.03
N VAL A 131 2.99 1.11 -3.12
CA VAL A 131 2.44 0.22 -2.08
C VAL A 131 2.39 -1.26 -2.50
N HIS A 132 2.62 -1.58 -3.78
CA HIS A 132 2.85 -2.97 -4.16
C HIS A 132 3.70 -2.92 -5.44
N GLY A 133 4.93 -2.44 -5.26
CA GLY A 133 5.75 -1.98 -6.36
C GLY A 133 5.55 -0.49 -6.56
N HIS A 134 6.27 0.04 -7.57
CA HIS A 134 6.14 1.45 -7.96
C HIS A 134 4.90 1.59 -8.87
N ASN A 135 3.73 1.44 -8.23
CA ASN A 135 2.50 1.08 -8.94
C ASN A 135 1.90 2.20 -9.80
N ASN A 136 2.30 3.45 -9.62
CA ASN A 136 1.84 4.48 -10.55
C ASN A 136 2.56 4.45 -11.89
N VAL A 137 3.67 3.72 -11.99
CA VAL A 137 4.56 3.81 -13.15
C VAL A 137 4.23 2.65 -14.11
N HIS A 138 3.91 3.00 -15.35
CA HIS A 138 3.64 1.96 -16.33
C HIS A 138 4.90 1.15 -16.60
N GLY A 139 4.77 -0.17 -16.57
CA GLY A 139 5.91 -1.04 -16.78
C GLY A 139 6.70 -1.39 -15.54
N ALA A 140 6.36 -0.82 -14.39
CA ALA A 140 6.95 -1.22 -13.13
C ALA A 140 6.36 -2.55 -12.67
N THR A 141 7.16 -3.31 -11.93
CA THR A 141 6.71 -4.58 -11.37
C THR A 141 5.56 -4.35 -10.39
N ILE A 142 4.49 -5.13 -10.51
CA ILE A 142 3.35 -5.02 -9.60
C ILE A 142 3.31 -6.27 -8.73
N TYR A 143 3.57 -6.09 -7.44
CA TYR A 143 3.63 -7.16 -6.46
C TYR A 143 2.25 -7.45 -5.90
N PRO A 144 2.04 -8.64 -5.32
CA PRO A 144 0.77 -8.90 -4.63
C PRO A 144 0.49 -7.82 -3.59
N HIS A 145 -0.78 -7.47 -3.44
CA HIS A 145 -1.12 -6.56 -2.35
C HIS A 145 -0.86 -7.22 -0.99
N ASN A 146 -0.87 -6.38 0.04
CA ASN A 146 -0.41 -6.79 1.37
C ASN A 146 -1.15 -8.02 1.90
N ILE A 147 -2.46 -8.14 1.65
CA ILE A 147 -3.19 -9.25 2.25
C ILE A 147 -2.62 -10.58 1.78
N GLY A 148 -2.32 -10.70 0.47
CA GLY A 148 -1.68 -11.90 -0.03
C GLY A 148 -0.27 -12.07 0.50
N LEU A 149 0.48 -10.96 0.63
CA LEU A 149 1.80 -11.03 1.26
C LEU A 149 1.69 -11.54 2.68
N GLY A 150 0.67 -11.12 3.43
CA GLY A 150 0.47 -11.65 4.77
C GLY A 150 0.20 -13.15 4.74
N ALA A 151 -0.56 -13.58 3.73
CA ALA A 151 -0.85 -15.01 3.57
C ALA A 151 0.41 -15.83 3.31
N THR A 152 1.48 -15.22 2.78
CA THR A 152 2.71 -16.00 2.56
C THR A 152 3.35 -16.43 3.87
N GLY A 153 3.09 -15.70 4.96
CA GLY A 153 3.79 -15.91 6.22
C GLY A 153 5.31 -15.80 6.11
N ASN A 154 5.81 -15.03 5.15
CA ASN A 154 7.23 -15.00 4.80
C ASN A 154 7.76 -13.57 4.89
N PRO A 155 8.22 -13.13 6.06
CA PRO A 155 8.73 -11.74 6.19
C PRO A 155 9.97 -11.48 5.36
N ASP A 156 10.82 -12.48 5.17
CA ASP A 156 12.02 -12.25 4.37
C ASP A 156 11.66 -11.92 2.93
N LEU A 157 10.64 -12.61 2.39
CA LEU A 157 10.15 -12.31 1.06
C LEU A 157 9.62 -10.88 0.96
N VAL A 158 8.87 -10.45 1.97
CA VAL A 158 8.32 -9.09 1.96
C VAL A 158 9.44 -8.07 2.01
N GLN A 159 10.50 -8.37 2.78
CA GLN A 159 11.67 -7.51 2.81
C GLN A 159 12.32 -7.41 1.43
N ARG A 160 12.49 -8.54 0.74
CA ARG A 160 13.09 -8.50 -0.59
C ARG A 160 12.24 -7.67 -1.55
N ILE A 161 10.92 -7.76 -1.41
CA ILE A 161 10.02 -6.96 -2.23
C ILE A 161 10.18 -5.47 -1.92
N GLY A 162 10.32 -5.13 -0.63
CA GLY A 162 10.64 -3.77 -0.26
C GLY A 162 11.90 -3.26 -0.93
N ALA A 163 12.95 -4.09 -0.97
CA ALA A 163 14.20 -3.68 -1.59
C ALA A 163 14.06 -3.53 -3.10
N ALA A 164 13.35 -4.45 -3.75
CA ALA A 164 13.16 -4.34 -5.20
C ALA A 164 12.29 -3.14 -5.53
N THR A 165 11.22 -2.91 -4.74
CA THR A 165 10.40 -1.73 -4.91
C THR A 165 11.25 -0.47 -4.79
N ALA A 166 12.12 -0.42 -3.77
CA ALA A 166 12.93 0.77 -3.55
C ALA A 166 13.83 1.05 -4.75
N GLU A 167 14.38 0.00 -5.37
CA GLU A 167 15.19 0.20 -6.56
C GLU A 167 14.38 0.85 -7.68
N GLU A 168 13.15 0.37 -7.90
CA GLU A 168 12.36 0.90 -9.01
C GLU A 168 11.90 2.32 -8.74
N VAL A 169 11.68 2.65 -7.46
CA VAL A 169 11.31 4.01 -7.08
C VAL A 169 12.53 4.93 -7.22
N ALA A 170 13.67 4.49 -6.71
CA ALA A 170 14.87 5.32 -6.75
C ALA A 170 15.32 5.59 -8.19
N ALA A 171 14.99 4.67 -9.11
CA ALA A 171 15.27 4.90 -10.52
C ALA A 171 14.56 6.13 -11.05
N THR A 172 13.41 6.47 -10.48
CA THR A 172 12.67 7.66 -10.87
C THR A 172 13.03 8.87 -10.01
N GLY A 173 13.98 8.72 -9.08
CA GLY A 173 14.39 9.81 -8.22
C GLY A 173 13.58 9.92 -6.94
N ILE A 174 12.31 9.51 -6.97
CA ILE A 174 11.42 9.67 -5.82
C ILE A 174 12.05 9.05 -4.58
N ASP A 175 11.93 9.74 -3.45
CA ASP A 175 12.72 9.46 -2.28
C ASP A 175 11.98 8.72 -1.19
N TRP A 176 10.68 8.52 -1.36
CA TRP A 176 9.80 8.33 -0.20
C TRP A 176 8.53 7.66 -0.69
N SER A 177 8.25 6.47 -0.18
CA SER A 177 7.00 5.77 -0.48
C SER A 177 6.09 5.79 0.73
N PHE A 178 4.79 5.97 0.49
CA PHE A 178 3.77 5.91 1.54
C PHE A 178 3.40 4.44 1.76
N ALA A 179 4.37 3.70 2.30
CA ALA A 179 4.27 2.26 2.47
C ALA A 179 5.28 1.84 3.53
N PRO A 180 4.96 0.80 4.33
CA PRO A 180 3.77 -0.07 4.25
C PRO A 180 2.57 0.37 5.09
N CYS A 181 1.37 0.03 4.63
CA CYS A 181 0.21 0.01 5.54
C CYS A 181 0.45 -1.06 6.60
N VAL A 182 0.62 -0.65 7.85
CA VAL A 182 0.69 -1.57 8.98
C VAL A 182 -0.66 -1.67 9.68
N CYS A 183 -1.70 -1.15 9.03
CA CYS A 183 -3.09 -1.34 9.43
C CYS A 183 -3.39 -2.80 9.72
N VAL A 184 -4.08 -3.03 10.84
CA VAL A 184 -4.57 -4.36 11.22
C VAL A 184 -6.06 -4.36 10.91
N ALA A 185 -6.44 -5.01 9.80
CA ALA A 185 -7.82 -4.93 9.32
C ALA A 185 -8.68 -5.92 10.10
N ARG A 186 -9.60 -5.39 10.90
CA ARG A 186 -10.48 -6.21 11.73
C ARG A 186 -11.90 -6.36 11.18
N ASP A 187 -12.26 -5.63 10.12
CA ASP A 187 -13.61 -5.71 9.55
C ASP A 187 -13.53 -5.76 8.03
N ASP A 188 -13.84 -6.92 7.46
CA ASP A 188 -13.63 -7.15 6.03
C ASP A 188 -14.45 -6.21 5.15
N ARG A 189 -15.46 -5.54 5.69
CA ARG A 189 -16.20 -4.57 4.91
C ARG A 189 -15.34 -3.39 4.46
N TRP A 190 -14.21 -3.17 5.13
CA TRP A 190 -13.33 -2.05 4.84
C TRP A 190 -12.75 -2.13 3.44
N GLY A 191 -12.80 -1.02 2.71
CA GLY A 191 -12.24 -0.96 1.38
C GLY A 191 -10.72 -1.05 1.32
N ARG A 192 -10.04 -1.01 2.47
CA ARG A 192 -8.58 -1.14 2.48
C ARG A 192 -8.14 -2.44 3.15
N THR A 193 -9.05 -3.40 3.32
CA THR A 193 -8.67 -4.69 3.90
C THR A 193 -7.49 -5.29 3.14
N TYR A 194 -7.45 -5.12 1.82
CA TYR A 194 -6.37 -5.74 1.06
C TYR A 194 -5.03 -5.05 1.28
N GLU A 195 -5.03 -3.83 1.79
CA GLU A 195 -3.77 -3.17 2.11
C GLU A 195 -3.22 -3.61 3.45
N SER A 196 -3.91 -4.49 4.17
CA SER A 196 -3.48 -4.96 5.47
C SER A 196 -2.82 -6.32 5.35
N PHE A 197 -1.71 -6.51 6.06
CA PHE A 197 -1.07 -7.81 6.10
C PHE A 197 -1.89 -8.86 6.85
N GLY A 198 -2.86 -8.46 7.66
CA GLY A 198 -3.67 -9.45 8.33
C GLY A 198 -4.40 -8.86 9.51
N GLU A 199 -5.31 -9.67 10.07
CA GLU A 199 -6.16 -9.22 11.15
C GLU A 199 -5.48 -9.28 12.51
N LYS A 200 -4.33 -9.95 12.62
CA LYS A 200 -3.64 -10.09 13.89
C LYS A 200 -2.42 -9.20 13.92
N SER A 201 -2.21 -8.53 15.05
CA SER A 201 -1.06 -7.64 15.19
C SER A 201 0.25 -8.36 14.86
N GLU A 202 0.34 -9.67 15.19
CA GLU A 202 1.49 -10.46 14.75
CA GLU A 202 1.48 -10.48 14.75
C GLU A 202 1.72 -10.35 13.25
N ASN A 203 0.64 -10.43 12.47
CA ASN A 203 0.78 -10.41 11.01
C ASN A 203 1.49 -9.14 10.57
N ALA A 204 0.88 -7.98 10.85
CA ALA A 204 1.44 -6.73 10.40
C ALA A 204 2.82 -6.49 11.00
N SER A 205 2.99 -6.78 12.30
CA SER A 205 4.28 -6.52 12.94
C SER A 205 5.41 -7.29 12.25
N ALA A 206 5.18 -8.57 11.94
CA ALA A 206 6.20 -9.35 11.26
C ALA A 206 6.50 -8.77 9.89
N MET A 207 5.50 -8.24 9.21
CA MET A 207 5.65 -7.74 7.84
CA MET A 207 5.70 -7.78 7.84
C MET A 207 6.21 -6.33 7.78
N THR A 208 6.50 -5.70 8.92
CA THR A 208 7.20 -4.44 8.85
C THR A 208 8.62 -4.62 8.35
N SER A 209 9.05 -5.87 8.13
CA SER A 209 10.26 -6.11 7.35
C SER A 209 10.24 -5.39 6.01
N ALA A 210 9.05 -5.02 5.50
CA ALA A 210 8.98 -4.17 4.32
C ALA A 210 9.76 -2.87 4.52
N VAL A 211 9.76 -2.35 5.76
CA VAL A 211 10.49 -1.11 6.05
C VAL A 211 11.98 -1.32 5.83
N THR A 212 12.50 -2.44 6.34
CA THR A 212 13.92 -2.73 6.22
C THR A 212 14.31 -2.91 4.77
N GLY A 213 13.44 -3.50 3.97
CA GLY A 213 13.73 -3.67 2.55
C GLY A 213 13.76 -2.33 1.82
N LEU A 214 12.75 -1.49 2.06
CA LEU A 214 12.68 -0.20 1.39
C LEU A 214 13.85 0.69 1.77
N GLN A 215 14.16 0.77 3.08
CA GLN A 215 15.12 1.73 3.57
C GLN A 215 16.55 1.21 3.60
N GLY A 216 16.73 -0.11 3.69
CA GLY A 216 17.98 -0.66 4.16
C GLY A 216 18.06 -0.52 5.66
N GLU A 217 19.12 -1.09 6.23
CA GLU A 217 19.31 -1.00 7.68
C GLU A 217 19.41 0.44 8.13
N ALA A 218 20.11 1.28 7.37
CA ALA A 218 20.26 2.69 7.67
C ALA A 218 19.72 3.49 6.49
N LEU A 219 18.74 4.35 6.75
CA LEU A 219 18.22 5.22 5.72
C LEU A 219 19.36 5.98 5.05
N GLY A 220 19.39 5.94 3.72
CA GLY A 220 20.39 6.63 2.93
C GLY A 220 21.72 5.89 2.74
N ALA A 221 21.88 4.69 3.29
CA ALA A 221 23.17 4.02 3.25
C ALA A 221 23.53 3.54 1.85
N THR A 222 22.55 3.08 1.09
CA THR A 222 22.79 2.62 -0.28
C THR A 222 22.04 3.52 -1.25
N PRO A 223 22.40 3.50 -2.53
CA PRO A 223 21.72 4.38 -3.49
C PRO A 223 20.24 4.08 -3.68
N SER A 224 19.79 2.84 -3.44
CA SER A 224 18.37 2.55 -3.58
C SER A 224 17.61 2.71 -2.27
N SER A 225 18.19 3.36 -1.27
CA SER A 225 17.45 3.59 -0.03
C SER A 225 16.30 4.56 -0.30
N VAL A 226 15.09 4.14 0.08
CA VAL A 226 13.89 4.93 -0.10
C VAL A 226 13.18 4.99 1.26
N MET A 227 12.77 6.19 1.67
CA MET A 227 12.15 6.31 2.97
C MET A 227 10.80 5.61 2.98
N ALA A 228 10.54 4.85 4.04
CA ALA A 228 9.28 4.14 4.21
C ALA A 228 8.37 4.93 5.15
N THR A 229 7.07 4.58 5.10
CA THR A 229 6.04 5.27 5.89
C THR A 229 5.16 4.24 6.56
N ALA A 230 5.21 4.16 7.89
CA ALA A 230 4.23 3.35 8.60
C ALA A 230 2.91 4.09 8.62
N LYS A 231 1.86 3.47 8.08
CA LYS A 231 0.53 4.11 8.01
C LYS A 231 -0.59 3.09 8.27
N HIS A 232 -1.79 3.55 8.65
CA HIS A 232 -2.07 4.92 9.06
C HIS A 232 -2.26 4.94 10.58
N TYR A 233 -1.53 5.84 11.23
CA TYR A 233 -1.49 5.94 12.69
C TYR A 233 -2.72 6.67 13.24
N VAL A 234 -3.54 6.03 14.08
CA VAL A 234 -3.48 4.63 14.44
C VAL A 234 -4.91 4.13 14.60
N GLY A 235 -5.15 2.86 14.27
CA GLY A 235 -6.47 2.28 14.38
C GLY A 235 -7.29 2.31 13.11
N ASP A 236 -6.67 2.55 11.96
CA ASP A 236 -7.45 2.63 10.72
C ASP A 236 -8.18 1.32 10.41
N GLY A 237 -7.64 0.18 10.86
CA GLY A 237 -8.30 -1.11 10.65
C GLY A 237 -9.38 -1.44 11.66
N GLY A 238 -9.60 -0.56 12.63
CA GLY A 238 -10.53 -0.82 13.70
C GLY A 238 -11.83 -0.05 13.66
N THR A 239 -12.13 0.66 12.57
CA THR A 239 -13.31 1.51 12.54
C THR A 239 -14.58 0.68 12.60
N THR A 240 -15.59 1.23 13.25
CA THR A 240 -16.86 0.53 13.38
C THR A 240 -17.45 0.27 12.01
N GLY A 241 -17.87 -0.97 11.78
CA GLY A 241 -18.41 -1.37 10.50
C GLY A 241 -17.41 -1.45 9.37
N GLY A 242 -16.12 -1.36 9.67
CA GLY A 242 -15.13 -1.27 8.60
C GLY A 242 -15.33 -0.08 7.70
N ASP A 243 -15.93 0.99 8.21
CA ASP A 243 -16.14 2.20 7.42
C ASP A 243 -14.84 2.96 7.28
N ASP A 244 -14.42 3.23 6.03
CA ASP A 244 -13.21 3.99 5.78
C ASP A 244 -13.34 5.40 6.33
N GLN A 245 -12.25 5.89 6.95
CA GLN A 245 -12.19 7.19 7.62
C GLN A 245 -13.15 7.27 8.82
N GLY A 246 -13.62 6.10 9.28
CA GLY A 246 -14.61 6.01 10.32
C GLY A 246 -14.07 6.25 11.72
N ASN A 247 -14.80 5.71 12.69
CA ASN A 247 -14.52 5.96 14.09
C ASN A 247 -14.16 4.63 14.73
N THR A 248 -12.98 4.57 15.34
CA THR A 248 -12.52 3.36 16.01
C THR A 248 -12.90 3.46 17.48
N GLU A 249 -13.90 2.70 17.89
CA GLU A 249 -14.53 2.86 19.21
C GLU A 249 -14.11 1.68 20.06
N ILE A 250 -12.91 1.78 20.65
CA ILE A 250 -12.31 0.71 21.42
C ILE A 250 -11.54 1.31 22.59
N SER A 251 -11.26 0.48 23.59
CA SER A 251 -10.52 0.96 24.75
C SER A 251 -9.08 1.30 24.34
N GLU A 252 -8.41 2.09 25.18
CA GLU A 252 -6.99 2.33 24.95
C GLU A 252 -6.21 1.03 25.02
N GLN A 253 -6.60 0.12 25.90
CA GLN A 253 -5.96 -1.20 25.94
C GLN A 253 -6.09 -1.92 24.61
N GLU A 254 -7.29 -1.94 24.02
CA GLU A 254 -7.48 -2.63 22.75
C GLU A 254 -6.69 -1.94 21.64
N LEU A 255 -6.68 -0.61 21.64
CA LEU A 255 -5.90 0.12 20.65
C LEU A 255 -4.42 -0.22 20.78
N ARG A 256 -3.92 -0.27 22.02
CA ARG A 256 -2.51 -0.55 22.25
C ARG A 256 -2.16 -2.00 21.98
N GLU A 257 -3.08 -2.93 22.25
CA GLU A 257 -2.76 -4.34 22.07
C GLU A 257 -2.91 -4.83 20.64
N ILE A 258 -3.85 -4.26 19.88
CA ILE A 258 -4.12 -4.73 18.51
C ILE A 258 -3.45 -3.83 17.47
N HIS A 259 -3.64 -2.52 17.54
CA HIS A 259 -3.31 -1.64 16.42
C HIS A 259 -1.95 -0.96 16.56
N LEU A 260 -1.52 -0.69 17.78
CA LEU A 260 -0.24 -0.02 18.04
C LEU A 260 1.00 -0.87 17.76
N PRO A 261 1.02 -2.18 18.04
CA PRO A 261 2.29 -2.93 18.01
C PRO A 261 3.00 -2.86 16.66
N PRO A 262 2.29 -2.92 15.52
CA PRO A 262 3.03 -2.80 14.24
C PRO A 262 3.76 -1.47 14.10
N PHE A 263 3.23 -0.40 14.68
CA PHE A 263 3.97 0.86 14.66
C PHE A 263 5.24 0.76 15.51
N ARG A 264 5.16 0.13 16.68
CA ARG A 264 6.34 -0.05 17.52
C ARG A 264 7.42 -0.81 16.77
N GLU A 265 7.06 -1.90 16.09
CA GLU A 265 8.03 -2.68 15.31
C GLU A 265 8.61 -1.87 14.16
N ALA A 266 7.77 -1.10 13.47
CA ALA A 266 8.29 -0.30 12.35
C ALA A 266 9.29 0.72 12.86
N ILE A 267 9.00 1.32 14.01
CA ILE A 267 9.91 2.29 14.62
C ILE A 267 11.23 1.61 15.01
N ALA A 268 11.15 0.42 15.60
CA ALA A 268 12.36 -0.32 15.93
C ALA A 268 13.22 -0.60 14.71
N ARG A 269 12.60 -0.83 13.55
CA ARG A 269 13.34 -1.02 12.31
C ARG A 269 13.85 0.28 11.71
N GLY A 270 13.52 1.42 12.31
CA GLY A 270 14.03 2.70 11.83
C GLY A 270 13.17 3.40 10.81
N VAL A 271 11.87 3.10 10.76
CA VAL A 271 10.99 3.72 9.76
C VAL A 271 11.16 5.23 9.80
N GLY A 272 11.32 5.84 8.62
CA GLY A 272 11.64 7.25 8.60
C GLY A 272 10.45 8.16 8.79
N SER A 273 9.25 7.68 8.44
CA SER A 273 8.05 8.50 8.44
C SER A 273 6.88 7.68 9.00
N VAL A 274 5.94 8.39 9.63
CA VAL A 274 4.66 7.82 10.03
C VAL A 274 3.57 8.72 9.50
N MET A 275 2.55 8.14 8.86
CA MET A 275 1.42 8.90 8.33
C MET A 275 0.22 8.74 9.25
N VAL A 276 -0.43 9.87 9.59
CA VAL A 276 -1.58 9.83 10.50
C VAL A 276 -2.85 9.46 9.74
N SER A 277 -3.82 8.85 10.44
CA SER A 277 -5.04 8.36 9.84
C SER A 277 -6.14 9.41 9.78
N TYR A 278 -6.94 9.34 8.71
CA TYR A 278 -8.20 10.09 8.64
C TYR A 278 -9.16 9.71 9.76
N SER A 279 -9.05 8.49 10.29
CA SER A 279 -10.06 7.96 11.19
C SER A 279 -10.00 8.67 12.55
N SER A 280 -10.93 8.28 13.44
CA SER A 280 -11.01 8.81 14.79
C SER A 280 -10.83 7.69 15.81
N TRP A 281 -10.49 8.07 17.03
CA TRP A 281 -10.44 7.14 18.15
C TRP A 281 -11.41 7.66 19.18
N ASN A 282 -12.48 6.88 19.43
CA ASN A 282 -13.55 7.25 20.37
C ASN A 282 -14.06 8.66 20.09
N GLY A 283 -14.24 8.98 18.81
CA GLY A 283 -14.78 10.25 18.40
C GLY A 283 -13.78 11.38 18.28
N GLU A 284 -12.52 11.16 18.63
CA GLU A 284 -11.47 12.18 18.49
C GLU A 284 -10.70 11.94 17.19
N LYS A 285 -10.67 12.95 16.31
CA LYS A 285 -9.93 12.84 15.05
C LYS A 285 -8.45 12.61 15.31
N LEU A 286 -7.87 11.63 14.61
CA LEU A 286 -6.45 11.35 14.82
C LEU A 286 -5.59 12.56 14.48
N HIS A 287 -5.96 13.31 13.44
CA HIS A 287 -5.18 14.48 13.04
C HIS A 287 -5.26 15.64 14.04
N ALA A 288 -6.08 15.55 15.08
CA ALA A 288 -6.06 16.54 16.16
C ALA A 288 -5.65 15.93 17.49
N SER A 289 -5.19 14.67 17.51
CA SER A 289 -4.96 13.96 18.77
C SER A 289 -3.55 14.25 19.25
N THR A 290 -3.40 15.31 20.03
CA THR A 290 -2.12 15.56 20.70
C THR A 290 -1.68 14.34 21.50
N TYR A 291 -2.62 13.66 22.14
CA TYR A 291 -2.25 12.51 22.97
C TYR A 291 -1.62 11.41 22.11
N LEU A 292 -2.31 10.98 21.06
CA LEU A 292 -1.80 9.84 20.31
C LEU A 292 -0.58 10.22 19.47
N VAL A 293 -0.57 11.42 18.88
CA VAL A 293 0.52 11.78 17.96
C VAL A 293 1.72 12.32 18.73
N ASN A 294 1.50 13.29 19.62
CA ASN A 294 2.66 13.83 20.32
C ASN A 294 3.01 12.98 21.54
N ASP A 295 2.03 12.69 22.40
CA ASP A 295 2.37 12.06 23.67
C ASP A 295 2.76 10.60 23.48
N VAL A 296 1.99 9.86 22.68
CA VAL A 296 2.27 8.43 22.55
C VAL A 296 3.30 8.15 21.46
N LEU A 297 3.10 8.68 20.24
CA LEU A 297 3.99 8.32 19.14
C LEU A 297 5.38 8.95 19.31
N LYS A 298 5.43 10.28 19.40
CA LYS A 298 6.72 10.94 19.55
C LYS A 298 7.30 10.73 20.93
N GLY A 299 6.45 10.73 21.97
CA GLY A 299 6.95 10.69 23.33
C GLY A 299 7.20 9.27 23.79
N GLU A 300 6.12 8.54 24.07
CA GLU A 300 6.24 7.22 24.68
C GLU A 300 6.97 6.25 23.76
N LEU A 301 6.63 6.23 22.45
CA LEU A 301 7.31 5.37 21.50
C LEU A 301 8.63 5.95 21.02
N GLY A 302 8.93 7.20 21.38
CA GLY A 302 10.21 7.80 21.03
C GLY A 302 10.47 7.92 19.54
N PHE A 303 9.43 8.12 18.73
CA PHE A 303 9.60 8.26 17.29
C PHE A 303 10.28 9.58 16.96
N THR A 304 11.46 9.52 16.34
CA THR A 304 12.24 10.72 16.02
C THR A 304 12.13 11.12 14.55
N GLY A 305 11.26 10.47 13.79
CA GLY A 305 11.18 10.69 12.36
C GLY A 305 10.15 11.73 11.99
N LEU A 306 9.72 11.65 10.73
CA LEU A 306 8.86 12.66 10.12
C LEU A 306 7.41 12.20 10.20
N VAL A 307 6.57 12.94 10.92
CA VAL A 307 5.14 12.63 10.97
C VAL A 307 4.42 13.43 9.89
N VAL A 308 3.79 12.73 8.95
CA VAL A 308 3.12 13.39 7.82
C VAL A 308 1.61 13.15 7.94
N SER A 309 0.82 14.16 7.55
CA SER A 309 -0.62 14.01 7.50
C SER A 309 -1.04 13.15 6.31
N ASP A 310 -2.29 12.69 6.33
CA ASP A 310 -2.90 12.13 5.13
C ASP A 310 -3.40 13.28 4.26
N TYR A 311 -3.92 12.92 3.09
CA TYR A 311 -4.15 13.83 1.98
C TYR A 311 -5.36 14.73 2.28
N ASP A 312 -5.13 16.05 2.36
CA ASP A 312 -6.15 17.01 2.77
C ASP A 312 -6.86 16.56 4.04
N ALA A 313 -6.08 15.96 4.96
CA ALA A 313 -6.67 15.41 6.18
C ALA A 313 -7.10 16.49 7.17
N ILE A 314 -6.36 17.60 7.24
CA ILE A 314 -6.76 18.65 8.18
C ILE A 314 -8.08 19.27 7.76
N ASP A 315 -8.36 19.28 6.45
CA ASP A 315 -9.63 19.79 5.94
C ASP A 315 -10.81 19.08 6.59
N LYS A 316 -10.66 17.80 6.91
CA LYS A 316 -11.78 16.98 7.33
C LYS A 316 -12.03 17.05 8.83
N LEU A 317 -11.23 17.83 9.57
CA LEU A 317 -11.38 17.87 11.02
C LEU A 317 -12.76 18.37 11.45
N ASP A 318 -13.26 19.43 10.81
CA ASP A 318 -14.55 19.98 11.16
C ASP A 318 -15.68 19.44 10.28
N GLY A 319 -15.39 18.47 9.42
CA GLY A 319 -16.42 17.89 8.57
C GLY A 319 -16.84 18.73 7.38
N GLN A 320 -16.21 19.88 7.16
CA GLN A 320 -16.55 20.73 6.02
C GLN A 320 -15.34 20.90 5.12
N GLU A 321 -15.62 21.12 3.82
CA GLU A 321 -14.57 21.21 2.83
C GLU A 321 -13.55 22.31 3.19
N ASP A 322 -12.33 22.15 2.67
CA ASP A 322 -11.24 23.08 2.84
C ASP A 322 -10.76 23.12 4.29
N PHE A 323 -9.62 23.76 4.54
CA PHE A 323 -9.09 23.87 5.89
C PHE A 323 -9.22 25.29 6.39
N THR A 324 -9.53 25.43 7.67
CA THR A 324 -9.65 26.72 8.34
C THR A 324 -8.41 26.98 9.18
N PRO A 325 -8.23 28.21 9.67
CA PRO A 325 -7.13 28.45 10.60
C PRO A 325 -7.19 27.57 11.83
N ASP A 326 -8.42 27.28 12.32
CA ASP A 326 -8.58 26.39 13.47
C ASP A 326 -8.05 24.99 13.18
N GLU A 327 -8.28 24.50 11.95
CA GLU A 327 -7.82 23.16 11.62
C GLU A 327 -6.31 23.11 11.48
N VAL A 328 -5.72 24.15 10.89
CA VAL A 328 -4.27 24.26 10.86
C VAL A 328 -3.70 24.22 12.27
N ARG A 329 -4.23 25.09 13.15
CA ARG A 329 -3.73 25.14 14.53
C ARG A 329 -3.86 23.79 15.22
N ALA A 330 -5.03 23.17 15.14
CA ALA A 330 -5.26 21.93 15.88
C ALA A 330 -4.31 20.83 15.42
N SER A 331 -4.05 20.76 14.12
CA SER A 331 -3.27 19.64 13.61
C SER A 331 -1.77 19.86 13.81
N VAL A 332 -1.29 21.08 13.57
CA VAL A 332 0.11 21.37 13.88
C VAL A 332 0.38 21.14 15.38
N ASN A 333 -0.52 21.62 16.25
CA ASN A 333 -0.26 21.44 17.68
C ASN A 333 -0.45 20.00 18.12
N ALA A 334 -1.15 19.18 17.33
CA ALA A 334 -1.20 17.76 17.65
C ALA A 334 0.16 17.09 17.49
N GLY A 335 1.11 17.72 16.78
CA GLY A 335 2.43 17.16 16.62
C GLY A 335 2.78 16.70 15.20
N ILE A 336 1.90 16.92 14.21
CA ILE A 336 2.22 16.55 12.84
C ILE A 336 3.26 17.50 12.26
N ASP A 337 4.22 16.96 11.51
CA ASP A 337 5.35 17.73 11.00
C ASP A 337 5.17 18.26 9.60
N MET A 338 4.56 17.47 8.70
CA MET A 338 4.43 17.83 7.30
C MET A 338 2.98 17.61 6.88
N PHE A 339 2.46 18.49 6.05
CA PHE A 339 1.04 18.49 5.74
C PHE A 339 0.83 18.25 4.26
N MET A 340 0.18 17.14 3.95
CA MET A 340 -0.05 16.68 2.59
C MET A 340 -1.33 17.32 2.08
N MET A 341 -1.23 18.09 0.98
CA MET A 341 -2.37 18.85 0.51
C MET A 341 -2.45 18.80 -1.00
N SER A 342 -3.69 18.84 -1.52
CA SER A 342 -3.94 18.78 -2.96
C SER A 342 -3.73 20.12 -3.64
N SER A 343 -3.73 21.20 -2.87
CA SER A 343 -3.60 22.56 -3.37
C SER A 343 -3.62 23.49 -2.16
N ARG A 344 -3.63 24.80 -2.40
CA ARG A 344 -3.76 25.81 -1.35
C ARG A 344 -2.52 25.92 -0.46
N HIS A 345 -1.34 25.62 -1.01
CA HIS A 345 -0.11 25.69 -0.23
C HIS A 345 0.16 27.10 0.29
N GLU A 346 -0.11 28.12 -0.53
CA GLU A 346 0.11 29.49 -0.07
C GLU A 346 -0.83 29.83 1.07
N LYS A 347 -2.07 29.36 1.01
CA LYS A 347 -3.00 29.64 2.10
C LYS A 347 -2.57 28.91 3.36
N PHE A 348 -2.09 27.67 3.24
CA PHE A 348 -1.59 26.96 4.42
C PHE A 348 -0.46 27.74 5.08
N ILE A 349 0.50 28.20 4.28
CA ILE A 349 1.65 28.92 4.83
C ILE A 349 1.19 30.21 5.50
N ASP A 350 0.28 30.95 4.85
CA ASP A 350 -0.23 32.19 5.44
C ASP A 350 -0.94 31.93 6.76
N TYR A 351 -1.81 30.90 6.80
CA TYR A 351 -2.51 30.56 8.04
C TYR A 351 -1.53 30.20 9.14
N LEU A 352 -0.55 29.34 8.83
CA LEU A 352 0.37 28.90 9.88
C LEU A 352 1.23 30.05 10.37
N ARG A 353 1.65 30.93 9.47
CA ARG A 353 2.42 32.10 9.87
C ARG A 353 1.65 32.91 10.91
N ALA A 354 0.36 33.14 10.66
CA ALA A 354 -0.46 33.92 11.59
C ALA A 354 -0.61 33.20 12.92
N GLU A 355 -0.76 31.88 12.91
CA GLU A 355 -0.84 31.13 14.17
C GLU A 355 0.45 31.29 14.95
N VAL A 356 1.59 31.23 14.26
CA VAL A 356 2.87 31.35 14.96
C VAL A 356 3.06 32.77 15.46
N GLU A 357 2.74 33.76 14.61
CA GLU A 357 2.82 35.16 15.03
C GLU A 357 1.97 35.42 16.27
N ALA A 358 0.79 34.79 16.35
CA ALA A 358 -0.08 34.99 17.50
C ALA A 358 0.32 34.15 18.70
N GLY A 359 1.30 33.26 18.55
CA GLY A 359 1.70 32.39 19.65
C GLY A 359 0.76 31.23 19.91
N ARG A 360 -0.25 31.04 19.06
CA ARG A 360 -1.15 29.90 19.22
C ARG A 360 -0.50 28.59 18.78
N VAL A 361 0.46 28.66 17.86
CA VAL A 361 1.37 27.55 17.59
C VAL A 361 2.74 27.98 18.07
N PRO A 362 3.33 27.31 19.05
CA PRO A 362 4.61 27.79 19.61
C PRO A 362 5.72 27.66 18.58
N ALA A 363 6.69 28.58 18.68
CA ALA A 363 7.84 28.54 17.80
C ALA A 363 8.57 27.20 17.85
N GLU A 364 8.60 26.56 19.02
CA GLU A 364 9.32 25.29 19.10
C GLU A 364 8.64 24.19 18.30
N ARG A 365 7.33 24.32 18.07
CA ARG A 365 6.60 23.30 17.31
C ARG A 365 7.03 23.33 15.85
N ILE A 366 7.18 24.54 15.29
CA ILE A 366 7.69 24.69 13.94
C ILE A 366 9.12 24.16 13.85
N ASP A 367 9.94 24.44 14.87
CA ASP A 367 11.33 23.99 14.86
C ASP A 367 11.41 22.47 14.98
N ASP A 368 10.55 21.88 15.81
CA ASP A 368 10.53 20.43 15.91
C ASP A 368 10.18 19.80 14.56
N ALA A 369 9.15 20.33 13.88
CA ALA A 369 8.77 19.77 12.59
C ALA A 369 9.91 19.91 11.59
N ASN A 370 10.59 21.07 11.61
CA ASN A 370 11.67 21.27 10.64
C ASN A 370 12.86 20.38 10.96
N ARG A 371 13.20 20.24 12.23
CA ARG A 371 14.31 19.35 12.58
C ARG A 371 14.04 17.93 12.09
N ARG A 372 12.80 17.47 12.24
CA ARG A 372 12.46 16.13 11.80
C ARG A 372 12.50 16.00 10.28
N ILE A 373 11.95 16.98 9.55
CA ILE A 373 11.96 16.92 8.08
C ILE A 373 13.38 17.03 7.55
N LEU A 374 14.13 18.04 8.01
CA LEU A 374 15.46 18.27 7.45
C LEU A 374 16.40 17.12 7.78
N THR A 375 16.26 16.53 8.97
CA THR A 375 17.10 15.38 9.32
C THR A 375 16.97 14.27 8.29
N LYS A 376 15.72 13.97 7.89
CA LYS A 376 15.51 12.91 6.90
C LYS A 376 16.05 13.29 5.53
N LYS A 377 15.95 14.57 5.16
CA LYS A 377 16.55 15.01 3.90
C LYS A 377 18.07 14.82 3.91
N PHE A 378 18.74 15.16 5.02
CA PHE A 378 20.19 14.93 5.10
C PHE A 378 20.50 13.44 5.11
N GLU A 379 19.76 12.66 5.88
CA GLU A 379 20.02 11.22 5.94
C GLU A 379 19.82 10.58 4.58
N LEU A 380 18.83 11.03 3.83
CA LEU A 380 18.59 10.48 2.50
C LEU A 380 19.66 10.86 1.50
N GLY A 381 20.61 11.72 1.89
CA GLY A 381 21.68 12.11 1.00
C GLY A 381 21.28 13.14 -0.04
N LEU A 382 20.14 13.81 0.15
CA LEU A 382 19.61 14.70 -0.88
C LEU A 382 20.48 15.94 -1.06
N PHE A 383 21.22 16.35 -0.03
CA PHE A 383 22.09 17.51 -0.17
C PHE A 383 23.36 17.19 -0.95
N GLU A 384 23.67 15.91 -1.11
CA GLU A 384 24.82 15.45 -1.89
C GLU A 384 24.42 14.91 -3.25
N ARG A 385 23.32 14.16 -3.31
CA ARG A 385 22.88 13.46 -4.53
C ARG A 385 21.38 13.70 -4.72
N PRO A 386 21.02 14.86 -5.25
CA PRO A 386 19.59 15.22 -5.31
C PRO A 386 18.80 14.62 -6.47
N PHE A 387 19.45 14.07 -7.49
CA PHE A 387 18.76 13.75 -8.74
C PHE A 387 18.50 12.26 -8.87
N ALA A 388 17.66 11.93 -9.85
CA ALA A 388 17.30 10.54 -10.06
C ALA A 388 18.52 9.71 -10.42
N GLN A 389 18.55 8.48 -9.89
CA GLN A 389 19.64 7.53 -10.14
C GLN A 389 19.31 6.73 -11.38
N ARG A 390 19.64 7.29 -12.54
CA ARG A 390 19.16 6.65 -13.75
C ARG A 390 19.87 5.34 -14.06
N ASP A 391 20.99 5.03 -13.39
CA ASP A 391 21.58 3.71 -13.52
C ASP A 391 20.63 2.60 -13.11
N LEU A 392 19.59 2.93 -12.34
CA LEU A 392 18.65 1.93 -11.84
C LEU A 392 17.42 1.76 -12.74
N LEU A 393 17.26 2.61 -13.75
CA LEU A 393 16.11 2.46 -14.66
C LEU A 393 16.03 1.07 -15.29
N PRO A 394 17.12 0.39 -15.64
CA PRO A 394 16.97 -0.97 -16.20
C PRO A 394 16.36 -1.97 -15.23
N THR A 395 16.33 -1.69 -13.92
CA THR A 395 15.72 -2.64 -13.00
C THR A 395 14.21 -2.59 -13.03
N VAL A 396 13.63 -1.53 -13.62
CA VAL A 396 12.19 -1.29 -13.51
C VAL A 396 11.46 -2.32 -14.38
N GLY A 397 10.66 -3.17 -13.73
CA GLY A 397 10.03 -4.26 -14.45
C GLY A 397 10.98 -5.33 -14.95
N SER A 398 12.21 -5.36 -14.42
CA SER A 398 13.21 -6.31 -14.88
C SER A 398 12.78 -7.75 -14.58
N ALA A 399 13.40 -8.70 -15.30
CA ALA A 399 13.05 -10.11 -15.12
C ALA A 399 13.30 -10.58 -13.70
N GLU A 400 14.38 -10.13 -13.06
CA GLU A 400 14.66 -10.57 -11.70
C GLU A 400 13.60 -10.09 -10.72
N HIS A 401 13.12 -8.86 -10.90
CA HIS A 401 12.05 -8.37 -10.03
C HIS A 401 10.72 -9.08 -10.30
N ARG A 402 10.44 -9.40 -11.56
CA ARG A 402 9.22 -10.14 -11.84
C ARG A 402 9.30 -11.56 -11.31
N GLU A 403 10.49 -12.15 -11.28
CA GLU A 403 10.65 -13.47 -10.67
C GLU A 403 10.36 -13.43 -9.18
N LEU A 404 10.84 -12.39 -8.50
CA LEU A 404 10.51 -12.20 -7.09
C LEU A 404 9.02 -12.05 -6.90
N ALA A 405 8.38 -11.28 -7.77
CA ALA A 405 6.94 -11.08 -7.65
C ALA A 405 6.19 -12.39 -7.87
N ARG A 406 6.59 -13.15 -8.89
CA ARG A 406 5.99 -14.45 -9.15
C ARG A 406 6.12 -15.36 -7.94
N GLN A 407 7.26 -15.32 -7.25
CA GLN A 407 7.41 -16.14 -6.06
C GLN A 407 6.45 -15.69 -4.97
N ALA A 408 6.19 -14.38 -4.88
CA ALA A 408 5.22 -13.89 -3.91
C ALA A 408 3.80 -14.30 -4.30
N VAL A 409 3.48 -14.26 -5.61
CA VAL A 409 2.18 -14.77 -6.06
C VAL A 409 2.00 -16.22 -5.60
N ARG A 410 2.99 -17.07 -5.89
CA ARG A 410 2.94 -18.48 -5.51
C ARG A 410 2.63 -18.63 -4.02
N GLU A 411 3.46 -18.00 -3.19
CA GLU A 411 3.35 -18.22 -1.75
C GLU A 411 2.10 -17.59 -1.15
N SER A 412 1.48 -16.62 -1.85
CA SER A 412 0.30 -15.97 -1.31
C SER A 412 -0.97 -16.78 -1.53
N GLN A 413 -0.94 -17.76 -2.44
CA GLN A 413 -2.12 -18.58 -2.72
C GLN A 413 -2.48 -19.44 -1.52
N VAL A 414 -3.76 -19.47 -1.17
CA VAL A 414 -4.25 -20.24 -0.03
C VAL A 414 -5.24 -21.28 -0.55
N LEU A 415 -4.88 -22.55 -0.43
CA LEU A 415 -5.77 -23.63 -0.83
C LEU A 415 -6.75 -23.92 0.30
N LEU A 416 -8.04 -23.78 0.00
CA LEU A 416 -9.09 -23.87 1.01
C LEU A 416 -9.98 -25.09 0.88
N ARG A 417 -10.15 -25.63 -0.33
CA ARG A 417 -10.88 -26.86 -0.55
C ARG A 417 -10.25 -27.57 -1.73
N ASN A 418 -10.19 -28.90 -1.65
CA ASN A 418 -9.67 -29.68 -2.77
C ASN A 418 -10.11 -31.12 -2.60
N ASP A 419 -10.94 -31.61 -3.52
CA ASP A 419 -11.36 -33.01 -3.47
C ASP A 419 -10.43 -33.93 -4.24
N GLY A 420 -9.36 -33.39 -4.83
CA GLY A 420 -8.44 -34.19 -5.60
C GLY A 420 -8.23 -33.65 -6.99
N VAL A 421 -9.11 -32.73 -7.42
CA VAL A 421 -8.96 -32.14 -8.75
C VAL A 421 -7.63 -31.41 -8.87
N LEU A 422 -7.13 -30.84 -7.77
CA LEU A 422 -5.83 -30.17 -7.81
C LEU A 422 -4.77 -31.07 -7.19
N PRO A 423 -3.54 -31.03 -7.71
CA PRO A 423 -3.11 -30.21 -8.85
C PRO A 423 -3.60 -30.76 -10.19
N LEU A 424 -3.83 -29.86 -11.14
CA LEU A 424 -4.17 -30.26 -12.50
C LEU A 424 -2.95 -30.84 -13.20
N ALA A 425 -3.17 -31.89 -13.97
CA ALA A 425 -2.08 -32.50 -14.72
C ALA A 425 -1.70 -31.61 -15.89
N LYS A 426 -0.44 -31.74 -16.31
CA LYS A 426 -0.02 -31.29 -17.64
C LYS A 426 0.01 -32.51 -18.58
N ASP A 427 -1.18 -33.10 -18.79
CA ASP A 427 -1.27 -34.35 -19.55
C ASP A 427 -1.75 -34.17 -20.98
N GLY A 428 -2.38 -33.05 -21.31
CA GLY A 428 -2.84 -32.79 -22.66
C GLY A 428 -4.34 -32.71 -22.85
N GLY A 429 -5.16 -33.12 -21.87
CA GLY A 429 -6.61 -33.02 -22.04
C GLY A 429 -7.09 -31.57 -22.03
N LYS A 430 -8.19 -31.32 -22.73
CA LYS A 430 -8.73 -29.98 -22.84
C LYS A 430 -9.08 -29.40 -21.47
N LEU A 431 -8.75 -28.13 -21.26
CA LEU A 431 -9.12 -27.40 -20.06
C LEU A 431 -10.06 -26.26 -20.43
N PHE A 432 -10.98 -25.94 -19.53
CA PHE A 432 -11.83 -24.77 -19.71
C PHE A 432 -11.52 -23.73 -18.65
N VAL A 433 -11.44 -22.47 -19.07
CA VAL A 433 -11.22 -21.35 -18.16
C VAL A 433 -12.32 -20.33 -18.38
N ALA A 434 -12.84 -19.80 -17.26
CA ALA A 434 -13.89 -18.80 -17.29
C ALA A 434 -13.67 -17.83 -16.13
N GLY A 435 -14.47 -16.78 -16.10
CA GLY A 435 -14.44 -15.83 -15.00
C GLY A 435 -13.95 -14.46 -15.43
N LYS A 436 -14.55 -13.40 -14.86
CA LYS A 436 -14.15 -12.04 -15.22
C LYS A 436 -12.75 -11.69 -14.72
N ASN A 437 -12.16 -12.48 -13.83
CA ASN A 437 -10.82 -12.23 -13.33
C ASN A 437 -9.78 -13.19 -13.92
N ALA A 438 -10.15 -13.97 -14.95
CA ALA A 438 -9.23 -14.96 -15.51
C ALA A 438 -8.17 -14.36 -16.43
N ASP A 439 -8.50 -13.26 -17.11
CA ASP A 439 -7.68 -12.76 -18.20
C ASP A 439 -7.64 -11.24 -18.15
N ASP A 440 -7.24 -10.68 -17.01
CA ASP A 440 -7.37 -9.23 -16.83
C ASP A 440 -6.28 -8.77 -15.88
N ILE A 441 -5.25 -8.12 -16.44
CA ILE A 441 -4.14 -7.61 -15.65
C ILE A 441 -4.65 -6.66 -14.57
N GLY A 442 -5.56 -5.76 -14.95
CA GLY A 442 -6.00 -4.76 -13.99
C GLY A 442 -6.83 -5.36 -12.86
N ASN A 443 -7.73 -6.30 -13.19
CA ASN A 443 -8.50 -6.95 -12.13
C ASN A 443 -7.59 -7.75 -11.19
N GLN A 444 -6.60 -8.43 -11.74
CA GLN A 444 -5.73 -9.23 -10.88
C GLN A 444 -4.78 -8.33 -10.08
N SER A 445 -4.63 -7.08 -10.48
CA SER A 445 -3.80 -6.15 -9.72
C SER A 445 -4.59 -5.39 -8.66
N GLY A 446 -5.87 -5.12 -8.93
CA GLY A 446 -6.67 -4.39 -7.95
C GLY A 446 -6.26 -2.93 -7.85
N GLY A 447 -6.67 -2.30 -6.75
CA GLY A 447 -6.49 -0.87 -6.57
C GLY A 447 -5.03 -0.47 -6.55
N TRP A 448 -4.82 0.85 -6.69
CA TRP A 448 -3.48 1.43 -6.65
C TRP A 448 -2.58 0.79 -7.72
N THR A 449 -3.10 0.72 -8.93
CA THR A 449 -2.34 0.16 -10.04
C THR A 449 -2.52 1.09 -11.22
N ILE A 450 -1.47 1.83 -11.56
CA ILE A 450 -1.47 2.95 -12.50
C ILE A 450 -2.37 4.07 -12.00
N SER A 451 -3.68 3.85 -12.01
CA SER A 451 -4.63 4.79 -11.44
C SER A 451 -4.80 4.55 -9.94
N TRP A 452 -5.55 5.44 -9.29
CA TRP A 452 -5.82 5.34 -7.87
C TRP A 452 -6.74 4.16 -7.55
N GLN A 453 -7.92 4.13 -8.17
CA GLN A 453 -8.87 3.05 -7.92
C GLN A 453 -8.47 1.74 -8.58
N GLY A 454 -7.46 1.75 -9.45
CA GLY A 454 -7.26 0.65 -10.36
C GLY A 454 -8.34 0.65 -11.43
N SER A 455 -8.22 -0.30 -12.36
CA SER A 455 -9.22 -0.44 -13.42
C SER A 455 -9.05 -1.79 -14.08
N SER A 456 -10.06 -2.19 -14.84
CA SER A 456 -10.03 -3.43 -15.59
C SER A 456 -9.30 -3.25 -16.93
N GLY A 457 -8.70 -4.32 -17.41
CA GLY A 457 -8.06 -4.32 -18.72
C GLY A 457 -6.56 -4.48 -18.62
N ASP A 458 -5.92 -4.35 -19.78
CA ASP A 458 -4.49 -4.55 -19.92
C ASP A 458 -3.76 -3.24 -19.62
N ILE A 459 -3.73 -2.89 -18.33
CA ILE A 459 -3.30 -1.56 -17.93
C ILE A 459 -1.79 -1.43 -17.71
N THR A 460 -1.06 -2.54 -17.62
CA THR A 460 0.39 -2.46 -17.51
C THR A 460 0.95 -3.82 -17.91
N GLU A 461 2.28 -3.89 -17.95
CA GLU A 461 2.95 -5.09 -18.45
C GLU A 461 2.86 -6.21 -17.43
N GLY A 462 2.47 -7.39 -17.88
CA GLY A 462 2.38 -8.53 -17.00
C GLY A 462 1.78 -9.71 -17.74
N THR A 463 1.44 -10.72 -16.97
CA THR A 463 0.90 -11.98 -17.47
C THR A 463 -0.40 -12.27 -16.75
N THR A 464 -1.47 -12.52 -17.50
CA THR A 464 -2.75 -12.83 -16.86
C THR A 464 -2.77 -14.26 -16.35
N ILE A 465 -3.75 -14.55 -15.50
CA ILE A 465 -3.89 -15.89 -14.95
C ILE A 465 -4.17 -16.90 -16.06
N LEU A 466 -5.00 -16.52 -17.03
CA LEU A 466 -5.28 -17.38 -18.18
C LEU A 466 -4.03 -17.64 -19.00
N GLU A 467 -3.18 -16.62 -19.17
CA GLU A 467 -1.95 -16.83 -19.92
C GLU A 467 -1.01 -17.76 -19.17
N GLY A 468 -0.95 -17.64 -17.85
CA GLY A 468 -0.18 -18.60 -17.07
C GLY A 468 -0.73 -20.01 -17.17
N ILE A 469 -2.06 -20.16 -17.20
CA ILE A 469 -2.65 -21.49 -17.36
C ILE A 469 -2.29 -22.07 -18.71
N ARG A 470 -2.40 -21.27 -19.78
CA ARG A 470 -2.04 -21.77 -21.10
C ARG A 470 -0.60 -22.25 -21.14
N ALA A 471 0.31 -21.51 -20.50
CA ALA A 471 1.73 -21.84 -20.56
C ALA A 471 2.05 -23.05 -19.67
N ALA A 472 1.39 -23.15 -18.51
CA ALA A 472 1.60 -24.32 -17.65
C ALA A 472 1.15 -25.59 -18.34
N ALA A 473 -0.07 -25.57 -18.89
CA ALA A 473 -0.63 -26.70 -19.62
C ALA A 473 -0.28 -26.57 -21.10
N SER A 474 1.03 -26.53 -21.36
CA SER A 474 1.53 -26.14 -22.67
C SER A 474 1.22 -27.17 -23.75
N GLY A 475 0.94 -28.41 -23.37
CA GLY A 475 0.48 -29.43 -24.30
C GLY A 475 -1.01 -29.57 -24.39
N SER A 476 -1.77 -28.71 -23.71
CA SER A 476 -3.22 -28.84 -23.63
C SER A 476 -3.90 -27.74 -24.43
N GLU A 477 -5.01 -28.10 -25.07
CA GLU A 477 -5.96 -27.10 -25.53
C GLU A 477 -6.61 -26.43 -24.34
N VAL A 478 -6.70 -25.10 -24.37
CA VAL A 478 -7.28 -24.34 -23.27
C VAL A 478 -8.31 -23.42 -23.86
N THR A 479 -9.58 -23.67 -23.57
CA THR A 479 -10.70 -22.87 -24.06
C THR A 479 -11.06 -21.85 -23.00
N TYR A 480 -11.19 -20.59 -23.39
CA TYR A 480 -11.55 -19.53 -22.47
C TYR A 480 -12.83 -18.83 -22.93
N ASP A 481 -13.78 -18.68 -22.02
CA ASP A 481 -14.93 -17.81 -22.23
C ASP A 481 -15.28 -17.13 -20.92
N ARG A 482 -15.41 -15.81 -20.95
CA ARG A 482 -15.61 -15.07 -19.71
C ARG A 482 -16.78 -15.63 -18.91
N HIS A 483 -17.86 -16.02 -19.59
CA HIS A 483 -19.09 -16.41 -18.92
C HIS A 483 -19.29 -17.92 -18.90
N GLY A 484 -18.26 -18.70 -19.22
CA GLY A 484 -18.40 -20.15 -19.24
C GLY A 484 -19.10 -20.72 -20.45
N ASN A 485 -19.42 -19.89 -21.44
CA ASN A 485 -20.17 -20.37 -22.60
C ASN A 485 -19.31 -21.31 -23.44
N GLY A 486 -19.87 -22.46 -23.82
CA GLY A 486 -19.15 -23.42 -24.60
C GLY A 486 -18.52 -24.54 -23.79
N VAL A 487 -18.57 -24.46 -22.47
CA VAL A 487 -18.06 -25.56 -21.67
C VAL A 487 -19.00 -26.75 -21.84
N ASP A 488 -18.43 -27.96 -21.81
CA ASP A 488 -19.22 -29.17 -21.88
C ASP A 488 -18.44 -30.28 -21.19
N GLY A 489 -19.04 -31.47 -21.18
CA GLY A 489 -18.48 -32.62 -20.47
C GLY A 489 -17.24 -33.21 -21.09
N SER A 490 -16.81 -32.72 -22.25
CA SER A 490 -15.58 -33.21 -22.86
C SER A 490 -14.32 -32.62 -22.22
N TYR A 491 -14.45 -31.62 -21.35
CA TYR A 491 -13.30 -30.99 -20.71
C TYR A 491 -12.88 -31.77 -19.47
N ARG A 492 -11.58 -31.78 -19.18
CA ARG A 492 -11.13 -32.53 -18.02
C ARG A 492 -11.26 -31.75 -16.73
N ALA A 493 -11.29 -30.42 -16.80
CA ALA A 493 -11.52 -29.59 -15.62
C ALA A 493 -11.91 -28.20 -16.11
N ALA A 494 -12.61 -27.47 -15.24
CA ALA A 494 -12.98 -26.09 -15.53
C ALA A 494 -12.52 -25.21 -14.39
N ILE A 495 -11.91 -24.07 -14.72
CA ILE A 495 -11.36 -23.14 -13.76
C ILE A 495 -12.13 -21.83 -13.87
N ALA A 496 -12.73 -21.39 -12.76
CA ALA A 496 -13.52 -20.17 -12.73
C ALA A 496 -12.78 -19.16 -11.86
N VAL A 497 -12.22 -18.13 -12.48
CA VAL A 497 -11.48 -17.10 -11.77
C VAL A 497 -12.44 -15.93 -11.58
N VAL A 498 -12.96 -15.79 -10.36
CA VAL A 498 -14.03 -14.84 -10.05
C VAL A 498 -13.53 -13.84 -9.01
N GLY A 499 -14.44 -13.01 -8.49
CA GLY A 499 -14.13 -12.14 -7.36
C GLY A 499 -14.38 -10.67 -7.67
N GLU A 500 -13.54 -9.81 -7.09
CA GLU A 500 -13.80 -8.38 -7.12
C GLU A 500 -13.09 -7.71 -8.30
N THR A 501 -13.58 -6.54 -8.68
CA THR A 501 -12.90 -5.59 -9.56
C THR A 501 -12.20 -4.54 -8.71
N PRO A 502 -11.29 -3.74 -9.30
CA PRO A 502 -10.40 -2.91 -8.47
C PRO A 502 -11.12 -1.78 -7.74
N TYR A 503 -10.61 -1.46 -6.55
CA TYR A 503 -11.11 -0.34 -5.76
C TYR A 503 -10.00 0.11 -4.81
N ALA A 504 -10.21 1.29 -4.20
CA ALA A 504 -9.29 1.77 -3.18
C ALA A 504 -10.05 2.65 -2.20
N GLU A 505 -9.65 2.58 -0.94
CA GLU A 505 -10.15 3.44 0.16
C GLU A 505 -11.67 3.30 0.24
N PHE A 506 -12.40 4.39 0.49
CA PHE A 506 -13.82 4.33 0.81
C PHE A 506 -14.65 3.77 -0.34
N GLU A 507 -14.18 3.90 -1.59
CA GLU A 507 -14.93 3.33 -2.70
C GLU A 507 -15.06 1.80 -2.59
N GLY A 508 -14.22 1.17 -1.79
CA GLY A 508 -14.28 -0.26 -1.59
C GLY A 508 -15.00 -0.72 -0.35
N ASP A 509 -15.56 0.18 0.45
CA ASP A 509 -16.38 -0.25 1.58
C ASP A 509 -17.59 -1.01 1.06
N ARG A 510 -17.93 -2.09 1.76
CA ARG A 510 -19.04 -2.96 1.35
C ARG A 510 -19.99 -3.20 2.52
N PRO A 511 -20.71 -2.17 2.95
CA PRO A 511 -21.72 -2.40 4.01
C PRO A 511 -22.86 -3.28 3.54
N GLY A 512 -23.05 -3.42 2.23
CA GLY A 512 -24.22 -4.12 1.72
C GLY A 512 -24.07 -5.62 1.59
N GLY A 513 -22.86 -6.14 1.65
CA GLY A 513 -22.65 -7.57 1.47
C GLY A 513 -21.34 -7.86 0.77
N LEU A 514 -20.90 -9.12 0.87
CA LEU A 514 -19.68 -9.58 0.23
C LEU A 514 -19.87 -10.88 -0.55
N GLY A 515 -21.10 -11.22 -0.92
CA GLY A 515 -21.31 -12.39 -1.75
C GLY A 515 -20.83 -12.19 -3.17
N LEU A 516 -20.65 -13.30 -3.87
CA LEU A 516 -20.30 -13.21 -5.29
C LEU A 516 -21.41 -12.50 -6.06
N ASP A 517 -21.03 -11.65 -7.00
CA ASP A 517 -22.03 -10.97 -7.81
C ASP A 517 -22.72 -11.98 -8.73
N GLU A 518 -23.70 -11.49 -9.49
CA GLU A 518 -24.54 -12.43 -10.22
C GLU A 518 -23.81 -13.04 -11.39
N GLU A 519 -22.84 -12.31 -11.96
CA GLU A 519 -22.05 -12.87 -13.04
C GLU A 519 -21.21 -14.04 -12.54
N ASP A 520 -20.49 -13.86 -11.42
CA ASP A 520 -19.66 -14.93 -10.91
C ASP A 520 -20.47 -16.18 -10.59
N ARG A 521 -21.66 -16.01 -10.00
CA ARG A 521 -22.45 -17.18 -9.63
C ARG A 521 -23.07 -17.85 -10.85
N ALA A 522 -23.50 -17.06 -11.84
CA ALA A 522 -23.97 -17.63 -13.11
C ALA A 522 -22.86 -18.42 -13.81
N THR A 523 -21.65 -17.87 -13.85
CA THR A 523 -20.57 -18.56 -14.55
C THR A 523 -20.17 -19.85 -13.83
N ILE A 524 -20.07 -19.82 -12.51
CA ILE A 524 -19.74 -21.04 -11.78
C ILE A 524 -20.84 -22.08 -11.95
N ALA A 525 -22.11 -21.66 -11.93
CA ALA A 525 -23.21 -22.60 -12.10
C ALA A 525 -23.17 -23.23 -13.49
N LYS A 526 -22.87 -22.43 -14.51
CA LYS A 526 -22.74 -22.96 -15.86
C LYS A 526 -21.62 -24.00 -15.94
N LEU A 527 -20.50 -23.75 -15.24
CA LEU A 527 -19.40 -24.72 -15.25
C LEU A 527 -19.76 -25.98 -14.47
N ARG A 528 -20.39 -25.83 -13.31
CA ARG A 528 -20.77 -27.03 -12.57
C ARG A 528 -21.80 -27.86 -13.35
N ALA A 529 -22.69 -27.19 -14.09
CA ALA A 529 -23.71 -27.92 -14.85
C ALA A 529 -23.11 -28.80 -15.94
N SER A 530 -21.86 -28.57 -16.31
CA SER A 530 -21.23 -29.40 -17.32
C SER A 530 -20.86 -30.78 -16.79
N GLY A 531 -20.93 -30.98 -15.47
CA GLY A 531 -20.50 -32.22 -14.85
C GLY A 531 -19.02 -32.38 -14.71
N VAL A 532 -18.25 -31.41 -15.18
CA VAL A 532 -16.79 -31.41 -15.16
C VAL A 532 -16.33 -30.92 -13.79
N PRO A 533 -15.21 -31.38 -13.25
CA PRO A 533 -14.72 -30.85 -11.97
C PRO A 533 -14.39 -29.36 -12.09
N VAL A 534 -14.80 -28.60 -11.07
CA VAL A 534 -14.72 -27.14 -11.11
C VAL A 534 -13.79 -26.64 -10.01
N VAL A 535 -12.79 -25.89 -10.42
CA VAL A 535 -11.84 -25.21 -9.55
C VAL A 535 -12.24 -23.74 -9.51
N VAL A 536 -12.55 -23.23 -8.33
CA VAL A 536 -12.89 -21.82 -8.20
C VAL A 536 -11.70 -21.07 -7.62
N VAL A 537 -11.37 -19.95 -8.24
CA VAL A 537 -10.22 -19.13 -7.85
C VAL A 537 -10.76 -17.74 -7.53
N THR A 538 -10.60 -17.30 -6.28
CA THR A 538 -11.07 -15.98 -5.90
C THR A 538 -9.94 -14.98 -6.08
N VAL A 539 -10.15 -14.00 -6.94
CA VAL A 539 -9.29 -12.82 -7.03
C VAL A 539 -10.04 -11.72 -6.30
N SER A 540 -9.55 -11.35 -5.11
CA SER A 540 -10.32 -10.46 -4.25
C SER A 540 -9.37 -9.82 -3.26
N GLY A 541 -9.83 -8.71 -2.67
CA GLY A 541 -9.05 -8.06 -1.64
C GLY A 541 -9.32 -8.52 -0.22
N ARG A 542 -10.12 -9.57 -0.05
CA ARG A 542 -10.62 -9.92 1.28
C ARG A 542 -11.37 -11.23 1.16
N PRO A 543 -11.68 -11.91 2.27
CA PRO A 543 -12.65 -13.00 2.19
C PRO A 543 -13.95 -12.51 1.56
N LEU A 544 -14.59 -13.41 0.82
CA LEU A 544 -15.91 -13.16 0.24
C LEU A 544 -16.90 -14.16 0.83
N ASP A 545 -18.17 -13.77 0.85
CA ASP A 545 -19.22 -14.56 1.49
C ASP A 545 -19.67 -15.68 0.54
N ILE A 546 -19.11 -16.88 0.75
CA ILE A 546 -19.27 -17.99 -0.18
C ILE A 546 -19.77 -19.25 0.49
N ALA A 547 -20.08 -19.21 1.79
CA ALA A 547 -20.36 -20.43 2.53
C ALA A 547 -21.55 -21.18 1.98
N GLY A 548 -22.50 -20.48 1.37
CA GLY A 548 -23.68 -21.15 0.85
C GLY A 548 -23.41 -21.93 -0.43
N GLU A 549 -22.29 -21.65 -1.11
CA GLU A 549 -21.97 -22.28 -2.38
C GLU A 549 -20.74 -23.17 -2.35
N VAL A 550 -19.86 -23.04 -1.36
CA VAL A 550 -18.52 -23.62 -1.44
C VAL A 550 -18.56 -25.14 -1.52
N ASP A 551 -19.59 -25.78 -0.96
CA ASP A 551 -19.66 -27.24 -0.98
C ASP A 551 -19.82 -27.80 -2.38
N GLY A 552 -20.30 -27.01 -3.33
CA GLY A 552 -20.42 -27.44 -4.71
C GLY A 552 -19.17 -27.31 -5.54
N TRP A 553 -18.08 -26.77 -4.97
CA TRP A 553 -16.86 -26.51 -5.69
C TRP A 553 -15.85 -27.62 -5.41
N ASN A 554 -15.32 -28.23 -6.47
CA ASN A 554 -14.35 -29.31 -6.26
C ASN A 554 -13.07 -28.80 -5.63
N ALA A 555 -12.67 -27.57 -5.95
CA ALA A 555 -11.55 -26.94 -5.27
C ALA A 555 -11.82 -25.46 -5.16
N LEU A 556 -11.22 -24.86 -4.13
CA LEU A 556 -11.28 -23.42 -3.91
C LEU A 556 -9.87 -22.95 -3.59
N LEU A 557 -9.37 -22.00 -4.39
CA LEU A 557 -8.05 -21.41 -4.19
C LEU A 557 -8.23 -19.91 -4.07
N ALA A 558 -7.75 -19.34 -2.97
CA ALA A 558 -7.82 -17.88 -2.76
C ALA A 558 -6.53 -17.26 -3.28
N SER A 559 -6.66 -16.37 -4.26
N SER A 559 -6.65 -16.36 -4.26
CA SER A 559 -5.50 -15.78 -4.93
CA SER A 559 -5.49 -15.78 -4.91
C SER A 559 -5.22 -14.35 -4.50
C SER A 559 -5.22 -14.34 -4.51
N TRP A 560 -6.16 -13.70 -3.83
CA TRP A 560 -6.04 -12.30 -3.34
C TRP A 560 -5.88 -11.40 -4.58
N LEU A 561 -4.94 -10.44 -4.58
CA LEU A 561 -4.71 -9.54 -5.70
C LEU A 561 -3.25 -9.69 -6.09
N PRO A 562 -2.92 -10.66 -6.95
CA PRO A 562 -1.52 -11.10 -7.09
C PRO A 562 -0.62 -10.16 -7.86
N GLY A 563 -1.16 -9.21 -8.62
CA GLY A 563 -0.31 -8.26 -9.30
C GLY A 563 0.00 -8.63 -10.73
N SER A 564 1.17 -8.22 -11.22
CA SER A 564 1.46 -8.38 -12.64
C SER A 564 1.84 -9.81 -13.04
N GLU A 565 2.28 -10.64 -12.10
CA GLU A 565 2.81 -11.96 -12.48
C GLU A 565 1.77 -13.05 -12.23
N GLY A 566 0.74 -13.05 -13.09
CA GLY A 566 -0.35 -14.00 -12.93
C GLY A 566 0.06 -15.45 -13.05
N GLN A 567 1.21 -15.72 -13.68
CA GLN A 567 1.65 -17.10 -13.87
C GLN A 567 1.93 -17.81 -12.55
N GLY A 568 2.15 -17.07 -11.45
CA GLY A 568 2.30 -17.73 -10.15
C GLY A 568 1.05 -18.44 -9.69
N VAL A 569 -0.11 -18.04 -10.18
CA VAL A 569 -1.34 -18.76 -9.86
C VAL A 569 -1.33 -20.14 -10.50
N ALA A 570 -0.97 -20.21 -11.79
CA ALA A 570 -0.87 -21.48 -12.47
C ALA A 570 0.19 -22.37 -11.85
N ASP A 571 1.27 -21.77 -11.32
CA ASP A 571 2.29 -22.55 -10.64
C ASP A 571 1.68 -23.41 -9.54
N VAL A 572 0.72 -22.85 -8.80
CA VAL A 572 0.07 -23.61 -7.72
C VAL A 572 -0.97 -24.57 -8.28
N LEU A 573 -1.80 -24.09 -9.21
CA LEU A 573 -2.85 -24.93 -9.81
C LEU A 573 -2.29 -26.21 -10.39
N PHE A 574 -1.09 -26.17 -10.97
CA PHE A 574 -0.50 -27.31 -11.65
C PHE A 574 0.58 -28.01 -10.82
N GLY A 575 0.71 -27.64 -9.55
CA GLY A 575 1.59 -28.36 -8.65
C GLY A 575 3.06 -28.04 -8.76
N ASP A 576 3.44 -27.02 -9.53
CA ASP A 576 4.84 -26.56 -9.50
C ASP A 576 5.19 -25.95 -8.15
N HIS A 577 4.23 -25.30 -7.49
CA HIS A 577 4.38 -24.84 -6.11
C HIS A 577 3.30 -25.50 -5.26
N ASN A 578 3.71 -26.39 -4.37
CA ASN A 578 2.80 -26.97 -3.39
C ASN A 578 2.33 -25.85 -2.47
N PRO A 579 1.03 -25.57 -2.39
CA PRO A 579 0.55 -24.37 -1.68
C PRO A 579 1.10 -24.27 -0.26
N THR A 580 1.61 -23.09 0.07
CA THR A 580 2.14 -22.82 1.39
C THR A 580 1.40 -21.71 2.13
N GLY A 581 0.56 -20.93 1.43
CA GLY A 581 -0.11 -19.82 2.08
C GLY A 581 -1.11 -20.27 3.14
N LYS A 582 -1.28 -19.40 4.15
CA LYS A 582 -2.28 -19.60 5.20
C LYS A 582 -3.13 -18.34 5.30
N LEU A 583 -4.37 -18.50 5.75
CA LEU A 583 -5.27 -17.37 5.84
C LEU A 583 -4.76 -16.30 6.81
N PRO A 584 -4.61 -15.06 6.36
CA PRO A 584 -4.27 -13.96 7.26
C PRO A 584 -5.48 -13.27 7.88
N MET A 585 -6.68 -13.54 7.38
CA MET A 585 -7.93 -13.09 7.97
C MET A 585 -8.82 -14.30 8.20
N THR A 586 -9.63 -14.25 9.25
CA THR A 586 -10.64 -15.27 9.49
C THR A 586 -11.74 -15.18 8.44
N TRP A 587 -12.15 -16.31 7.88
CA TRP A 587 -13.08 -16.34 6.76
C TRP A 587 -14.50 -16.60 7.25
N MET A 588 -15.42 -15.67 6.97
CA MET A 588 -16.76 -15.70 7.53
C MET A 588 -17.59 -16.90 7.05
N ARG A 589 -18.44 -17.43 7.95
CA ARG A 589 -19.54 -18.27 7.52
C ARG A 589 -20.68 -17.44 6.96
N SER A 590 -20.76 -16.18 7.39
CA SER A 590 -21.87 -15.32 7.03
C SER A 590 -21.41 -13.88 7.18
N PHE A 591 -21.85 -13.04 6.24
CA PHE A 591 -21.67 -11.59 6.37
C PHE A 591 -22.13 -11.07 7.73
N ASP A 592 -23.14 -11.72 8.34
CA ASP A 592 -23.67 -11.30 9.62
C ASP A 592 -22.65 -11.41 10.76
N GLN A 593 -21.57 -12.16 10.57
CA GLN A 593 -20.55 -12.30 11.60
C GLN A 593 -19.54 -11.16 11.60
N LEU A 594 -19.47 -10.37 10.53
CA LEU A 594 -18.50 -9.29 10.50
C LEU A 594 -18.82 -8.27 11.59
N PRO A 595 -17.78 -7.77 12.28
CA PRO A 595 -16.37 -8.17 12.14
C PRO A 595 -16.09 -9.54 12.77
N ILE A 596 -15.31 -10.39 12.08
CA ILE A 596 -14.94 -11.69 12.62
C ILE A 596 -13.42 -11.77 12.71
N ASN A 597 -12.92 -12.19 13.86
CA ASN A 597 -11.48 -12.20 14.08
C ASN A 597 -11.12 -13.35 14.98
N ASP A 598 -9.91 -13.86 14.79
CA ASP A 598 -9.38 -14.97 15.56
C ASP A 598 -9.55 -14.71 17.05
N GLY A 599 -10.12 -15.70 17.75
CA GLY A 599 -10.30 -15.61 19.18
C GLY A 599 -11.58 -14.94 19.64
N ASP A 600 -12.43 -14.48 18.72
CA ASP A 600 -13.64 -13.80 19.14
C ASP A 600 -14.79 -14.77 19.45
N GLY A 601 -14.55 -16.08 19.43
CA GLY A 601 -15.58 -17.05 19.76
C GLY A 601 -16.54 -17.41 18.65
N GLN A 602 -16.56 -16.65 17.55
CA GLN A 602 -17.43 -16.99 16.43
C GLN A 602 -16.86 -18.20 15.67
N ASP A 603 -17.76 -18.96 15.05
CA ASP A 603 -17.42 -20.17 14.34
C ASP A 603 -17.21 -19.83 12.86
N PRO A 604 -15.98 -19.79 12.36
CA PRO A 604 -15.77 -19.33 10.99
C PRO A 604 -15.87 -20.48 9.97
N LEU A 605 -16.06 -20.10 8.71
CA LEU A 605 -15.94 -21.08 7.63
C LEU A 605 -14.53 -21.66 7.56
N PHE A 606 -13.52 -20.78 7.59
CA PHE A 606 -12.11 -21.17 7.69
C PHE A 606 -11.43 -20.28 8.73
N PRO A 607 -10.69 -20.84 9.67
CA PRO A 607 -10.02 -20.02 10.70
C PRO A 607 -8.75 -19.37 10.17
N HIS A 608 -8.33 -18.34 10.89
CA HIS A 608 -7.02 -17.73 10.69
C HIS A 608 -5.94 -18.81 10.71
N GLY A 609 -5.00 -18.72 9.78
CA GLY A 609 -3.93 -19.68 9.70
C GLY A 609 -4.25 -20.95 8.93
N PHE A 610 -5.47 -21.09 8.41
CA PHE A 610 -5.86 -22.28 7.68
C PHE A 610 -5.27 -22.26 6.28
N GLY A 611 -4.82 -23.42 5.83
CA GLY A 611 -4.37 -23.58 4.46
C GLY A 611 -4.02 -25.01 4.14
N LEU A 612 -4.64 -25.56 3.10
CA LEU A 612 -4.33 -26.93 2.69
C LEU A 612 -3.07 -26.96 1.82
N SER A 613 -2.53 -28.16 1.65
CA SER A 613 -1.46 -28.40 0.69
C SER A 613 -1.80 -29.65 -0.10
N TYR A 614 -0.92 -30.00 -1.04
CA TYR A 614 -1.07 -31.22 -1.82
C TYR A 614 -0.41 -32.37 -1.07
N GLY A 615 -1.16 -33.44 -0.86
CA GLY A 615 -0.66 -34.56 -0.08
C GLY A 615 -0.98 -35.93 -0.63
#